data_6L1V
#
_entry.id   6L1V
#
_cell.length_a   107.451
_cell.length_b   167.809
_cell.length_c   116.988
_cell.angle_alpha   90.00
_cell.angle_beta   90.00
_cell.angle_gamma   90.00
#
_symmetry.space_group_name_H-M   'C 2 2 21'
#
loop_
_entity.id
_entity.type
_entity.pdbx_description
1 polymer Azurin-1
2 non-polymer 'COPPER (II) ION'
3 water water
#
_entity_poly.entity_id   1
_entity_poly.type   'polypeptide(L)'
_entity_poly.pdbx_seq_one_letter_code
;AECSVDIAGNDQMQFDKKEITVSKSCKQFTVNLKHPGKLAKNVMGHNWVLTKQADMQGAVNDGMAAGLDNNYVKKDDARV
IAHTKVIGGGETDSVTFDVSKLAAGQDYAYFCSFPGHFALMKGVLKLVD
;
_entity_poly.pdbx_strand_id   A,C,E,G
#
loop_
_chem_comp.id
_chem_comp.type
_chem_comp.name
_chem_comp.formula
CU non-polymer 'COPPER (II) ION' 'Cu 2'
#
# COMPACT_ATOMS: atom_id res chain seq x y z
N ALA A 1 -18.99 6.24 -0.12
CA ALA A 1 -17.97 5.17 -0.43
C ALA A 1 -18.48 3.81 0.09
N GLU A 2 -17.68 2.75 -0.09
CA GLU A 2 -17.87 1.41 0.54
C GLU A 2 -17.53 1.53 2.02
N CYS A 3 -18.25 0.87 2.94
CA CYS A 3 -17.90 0.85 4.39
C CYS A 3 -17.53 -0.57 4.84
N SER A 4 -16.95 -1.36 3.95
CA SER A 4 -16.48 -2.73 4.27
C SER A 4 -15.35 -3.11 3.31
N VAL A 5 -14.60 -4.13 3.72
CA VAL A 5 -13.48 -4.69 2.92
C VAL A 5 -13.43 -6.21 3.17
N ASP A 6 -13.13 -6.96 2.12
CA ASP A 6 -12.87 -8.41 2.13
C ASP A 6 -11.35 -8.55 2.09
N ILE A 7 -10.75 -9.16 3.12
CA ILE A 7 -9.28 -9.39 3.16
C ILE A 7 -9.06 -10.87 3.45
N ALA A 8 -7.96 -11.44 2.93
CA ALA A 8 -7.70 -12.90 3.02
C ALA A 8 -6.21 -13.16 3.24
N GLY A 9 -5.89 -14.23 3.96
CA GLY A 9 -4.60 -14.91 3.87
C GLY A 9 -4.41 -15.42 2.47
N ASN A 10 -3.19 -15.33 1.93
CA ASN A 10 -2.90 -15.83 0.56
C ASN A 10 -1.94 -17.03 0.68
N ASP A 11 -1.52 -17.55 -0.46
CA ASP A 11 -0.71 -18.79 -0.55
C ASP A 11 0.76 -18.47 -0.26
N GLN A 12 1.12 -17.21 0.02
CA GLN A 12 2.48 -16.78 0.42
C GLN A 12 2.51 -16.49 1.92
N MET A 13 1.43 -16.79 2.64
CA MET A 13 1.25 -16.51 4.09
C MET A 13 1.38 -15.00 4.36
N GLN A 14 0.76 -14.19 3.51
CA GLN A 14 0.61 -12.73 3.67
C GLN A 14 -0.88 -12.39 3.56
N PHE A 15 -1.28 -11.15 3.84
CA PHE A 15 -2.62 -10.63 3.47
C PHE A 15 -2.60 -10.37 1.96
N ASP A 16 -3.69 -10.65 1.24
CA ASP A 16 -3.82 -10.27 -0.20
C ASP A 16 -3.79 -8.74 -0.37
N LYS A 17 -4.24 -7.98 0.61
CA LYS A 17 -4.26 -6.49 0.59
C LYS A 17 -3.34 -5.92 1.66
N LYS A 18 -2.44 -5.02 1.23
CA LYS A 18 -1.45 -4.30 2.09
C LYS A 18 -2.03 -2.94 2.47
N GLU A 19 -3.18 -2.57 1.91
CA GLU A 19 -3.84 -1.27 2.20
C GLU A 19 -5.34 -1.49 2.41
N ILE A 20 -5.89 -0.85 3.44
CA ILE A 20 -7.35 -0.69 3.61
C ILE A 20 -7.62 0.81 3.71
N THR A 21 -8.65 1.28 3.03
CA THR A 21 -9.12 2.70 3.10
C THR A 21 -10.50 2.73 3.76
N VAL A 22 -10.64 3.58 4.76
CA VAL A 22 -11.90 3.84 5.51
C VAL A 22 -12.33 5.29 5.27
N SER A 23 -13.49 5.48 4.65
CA SER A 23 -14.08 6.82 4.39
C SER A 23 -14.58 7.44 5.70
N LYS A 24 -14.28 8.70 5.97
CA LYS A 24 -14.83 9.46 7.16
C LYS A 24 -16.37 9.55 7.10
N SER A 25 -16.97 9.30 5.93
CA SER A 25 -18.45 9.31 5.76
C SER A 25 -19.07 8.03 6.30
N CYS A 26 -18.27 7.00 6.58
CA CYS A 26 -18.70 5.73 7.23
C CYS A 26 -18.87 5.97 8.74
N LYS A 27 -20.00 5.55 9.31
CA LYS A 27 -20.19 5.55 10.78
C LYS A 27 -19.48 4.33 11.34
N GLN A 28 -19.65 3.18 10.70
CA GLN A 28 -19.01 1.91 11.06
C GLN A 28 -18.30 1.34 9.83
N PHE A 29 -17.31 0.49 10.08
CA PHE A 29 -16.52 -0.17 9.02
C PHE A 29 -16.41 -1.65 9.37
N THR A 30 -16.68 -2.49 8.37
CA THR A 30 -16.72 -3.97 8.51
C THR A 30 -15.54 -4.60 7.76
N VAL A 31 -14.74 -5.41 8.48
CA VAL A 31 -13.61 -6.18 7.87
C VAL A 31 -14.01 -7.65 7.88
N ASN A 32 -14.08 -8.26 6.70
CA ASN A 32 -14.41 -9.70 6.50
C ASN A 32 -13.09 -10.43 6.20
N LEU A 33 -12.62 -11.24 7.13
CA LEU A 33 -11.37 -12.03 6.97
C LEU A 33 -11.71 -13.44 6.49
N LYS A 34 -11.04 -13.89 5.44
CA LYS A 34 -11.10 -15.27 4.89
C LYS A 34 -9.72 -15.92 5.05
N HIS A 35 -9.71 -17.22 5.37
CA HIS A 35 -8.51 -18.11 5.44
C HIS A 35 -8.75 -19.26 4.47
N PRO A 36 -8.37 -19.15 3.19
CA PRO A 36 -8.63 -20.21 2.22
C PRO A 36 -7.93 -21.54 2.56
N GLY A 37 -6.81 -21.49 3.28
CA GLY A 37 -6.10 -22.66 3.85
C GLY A 37 -5.13 -23.29 2.85
N LYS A 38 -4.83 -22.58 1.77
CA LYS A 38 -4.01 -23.04 0.63
C LYS A 38 -2.67 -22.30 0.74
N LEU A 39 -1.55 -23.03 0.69
CA LEU A 39 -0.18 -22.49 0.72
C LEU A 39 0.58 -23.04 -0.47
N ALA A 40 1.35 -22.19 -1.14
CA ALA A 40 2.20 -22.56 -2.28
C ALA A 40 3.36 -23.43 -1.78
N LYS A 41 3.92 -24.22 -2.68
CA LYS A 41 5.07 -25.14 -2.44
C LYS A 41 6.29 -24.36 -1.89
N ASN A 42 6.53 -23.14 -2.33
CA ASN A 42 7.75 -22.35 -1.99
C ASN A 42 7.68 -21.90 -0.53
N VAL A 43 6.51 -21.89 0.13
CA VAL A 43 6.42 -21.51 1.57
C VAL A 43 6.01 -22.71 2.42
N MET A 44 5.32 -23.70 1.87
CA MET A 44 4.89 -24.91 2.63
C MET A 44 5.01 -26.15 1.73
N GLY A 45 6.23 -26.63 1.56
CA GLY A 45 6.52 -27.88 0.84
C GLY A 45 7.08 -28.90 1.78
N HIS A 46 6.93 -30.17 1.42
CA HIS A 46 7.49 -31.31 2.19
C HIS A 46 8.28 -32.23 1.27
N ASN A 47 9.31 -32.85 1.83
CA ASN A 47 10.01 -33.98 1.21
C ASN A 47 10.23 -35.03 2.29
N TRP A 48 10.83 -36.15 1.92
CA TRP A 48 11.23 -37.23 2.83
C TRP A 48 12.68 -37.56 2.51
N VAL A 49 13.54 -37.47 3.52
CA VAL A 49 15.02 -37.57 3.39
C VAL A 49 15.50 -38.58 4.43
N LEU A 50 16.33 -39.55 4.01
CA LEU A 50 16.82 -40.65 4.86
C LEU A 50 18.34 -40.53 4.99
N THR A 51 18.83 -40.53 6.23
CA THR A 51 20.28 -40.53 6.57
C THR A 51 20.51 -41.38 7.82
N LYS A 52 21.77 -41.71 8.08
CA LYS A 52 22.24 -42.13 9.42
C LYS A 52 21.89 -41.00 10.37
N GLN A 53 21.46 -41.33 11.59
CA GLN A 53 21.14 -40.38 12.67
C GLN A 53 22.24 -39.31 12.81
N ALA A 54 23.51 -39.72 12.84
CA ALA A 54 24.68 -38.83 13.05
C ALA A 54 24.86 -37.87 11.86
N ASP A 55 24.31 -38.20 10.68
CA ASP A 55 24.45 -37.38 9.45
C ASP A 55 23.26 -36.42 9.25
N MET A 56 22.19 -36.53 10.05
CA MET A 56 20.93 -35.74 9.88
C MET A 56 21.25 -34.24 9.86
N GLN A 57 21.91 -33.74 10.91
CA GLN A 57 22.08 -32.28 11.14
C GLN A 57 22.87 -31.68 9.96
N GLY A 58 23.98 -32.28 9.57
CA GLY A 58 24.78 -31.80 8.42
C GLY A 58 23.96 -31.80 7.13
N ALA A 59 23.22 -32.89 6.86
CA ALA A 59 22.41 -33.07 5.63
C ALA A 59 21.31 -32.00 5.60
N VAL A 60 20.63 -31.76 6.72
CA VAL A 60 19.56 -30.74 6.85
C VAL A 60 20.14 -29.35 6.59
N ASN A 61 21.28 -29.01 7.20
CA ASN A 61 21.89 -27.66 7.08
C ASN A 61 22.27 -27.44 5.62
N ASP A 62 23.00 -28.38 5.00
CA ASP A 62 23.43 -28.26 3.58
C ASP A 62 22.19 -28.32 2.68
N GLY A 63 21.16 -29.06 3.10
CA GLY A 63 19.89 -29.19 2.37
C GLY A 63 19.15 -27.88 2.30
N MET A 64 19.01 -27.16 3.42
CA MET A 64 18.40 -25.80 3.44
C MET A 64 19.17 -24.88 2.48
N ALA A 65 20.50 -24.93 2.52
CA ALA A 65 21.39 -24.05 1.73
C ALA A 65 21.25 -24.38 0.25
N ALA A 66 20.87 -25.62 -0.11
CA ALA A 66 20.89 -26.10 -1.51
C ALA A 66 19.72 -25.52 -2.29
N GLY A 67 18.65 -25.10 -1.62
CA GLY A 67 17.51 -24.41 -2.27
C GLY A 67 16.45 -25.37 -2.80
N LEU A 68 15.28 -24.82 -3.12
CA LEU A 68 14.08 -25.52 -3.64
C LEU A 68 14.40 -26.25 -4.95
N ASP A 69 15.24 -25.66 -5.79
CA ASP A 69 15.69 -26.21 -7.10
C ASP A 69 16.34 -27.60 -6.92
N ASN A 70 17.01 -27.82 -5.79
CA ASN A 70 17.70 -29.09 -5.43
C ASN A 70 16.87 -29.91 -4.43
N ASN A 71 15.57 -29.61 -4.28
CA ASN A 71 14.64 -30.28 -3.33
C ASN A 71 15.17 -30.19 -1.91
N TYR A 72 15.86 -29.10 -1.60
CA TYR A 72 16.47 -28.84 -0.28
C TYR A 72 17.34 -30.03 0.14
N VAL A 73 18.06 -30.58 -0.82
CA VAL A 73 19.08 -31.64 -0.57
C VAL A 73 20.33 -31.27 -1.38
N LYS A 74 21.49 -31.23 -0.74
CA LYS A 74 22.78 -30.94 -1.45
C LYS A 74 22.96 -31.98 -2.56
N LYS A 75 23.20 -31.53 -3.79
CA LYS A 75 23.40 -32.39 -4.99
C LYS A 75 24.47 -33.43 -4.67
N ASP A 76 24.15 -34.72 -4.86
CA ASP A 76 25.09 -35.88 -4.71
C ASP A 76 25.61 -35.96 -3.27
N ASP A 77 24.82 -35.53 -2.30
CA ASP A 77 25.19 -35.60 -0.86
C ASP A 77 25.31 -37.08 -0.50
N ALA A 78 26.52 -37.51 -0.15
CA ALA A 78 26.85 -38.92 0.17
C ALA A 78 26.10 -39.40 1.43
N ARG A 79 25.69 -38.51 2.31
CA ARG A 79 25.01 -38.87 3.59
C ARG A 79 23.54 -39.21 3.34
N VAL A 80 23.00 -38.80 2.20
CA VAL A 80 21.55 -38.97 1.90
C VAL A 80 21.38 -40.28 1.15
N ILE A 81 20.83 -41.29 1.83
CA ILE A 81 20.59 -42.64 1.27
C ILE A 81 19.49 -42.53 0.21
N ALA A 82 18.44 -41.73 0.48
CA ALA A 82 17.33 -41.51 -0.48
C ALA A 82 16.54 -40.27 -0.07
N HIS A 83 15.88 -39.65 -1.04
CA HIS A 83 15.03 -38.47 -0.79
C HIS A 83 13.99 -38.38 -1.89
N THR A 84 12.81 -37.88 -1.55
CA THR A 84 11.78 -37.47 -2.53
C THR A 84 12.09 -36.05 -3.01
N LYS A 85 11.39 -35.65 -4.05
CA LYS A 85 11.20 -34.24 -4.43
C LYS A 85 10.49 -33.53 -3.27
N VAL A 86 10.64 -32.21 -3.25
CA VAL A 86 9.76 -31.31 -2.45
C VAL A 86 8.44 -31.23 -3.22
N ILE A 87 7.33 -31.45 -2.52
CA ILE A 87 5.98 -31.43 -3.14
C ILE A 87 5.14 -30.41 -2.40
N GLY A 88 4.14 -29.86 -3.11
CA GLY A 88 3.14 -28.94 -2.55
C GLY A 88 1.86 -29.68 -2.23
N GLY A 89 0.87 -28.98 -1.66
CA GLY A 89 -0.43 -29.54 -1.28
C GLY A 89 -1.11 -30.23 -2.46
N GLY A 90 -1.69 -31.40 -2.22
CA GLY A 90 -2.37 -32.21 -3.25
C GLY A 90 -1.42 -32.99 -4.13
N GLU A 91 -0.09 -32.87 -3.93
CA GLU A 91 0.92 -33.57 -4.78
C GLU A 91 1.40 -34.86 -4.07
N THR A 92 2.10 -35.72 -4.83
CA THR A 92 2.69 -37.00 -4.37
C THR A 92 4.05 -37.17 -5.03
N ASP A 93 4.99 -37.83 -4.33
CA ASP A 93 6.25 -38.30 -4.97
C ASP A 93 6.66 -39.59 -4.27
N SER A 94 7.36 -40.46 -5.01
CA SER A 94 7.85 -41.75 -4.52
C SER A 94 9.35 -41.83 -4.75
N VAL A 95 10.07 -42.45 -3.82
CA VAL A 95 11.51 -42.77 -4.03
C VAL A 95 11.73 -44.25 -3.68
N THR A 96 12.53 -44.92 -4.49
CA THR A 96 12.92 -46.34 -4.28
C THR A 96 14.44 -46.37 -4.07
N PHE A 97 14.91 -47.10 -3.07
CA PHE A 97 16.36 -47.25 -2.81
C PHE A 97 16.70 -48.71 -2.51
N ASP A 98 17.97 -49.03 -2.67
CA ASP A 98 18.54 -50.38 -2.41
C ASP A 98 18.61 -50.57 -0.89
N VAL A 99 18.03 -51.65 -0.39
CA VAL A 99 18.05 -52.00 1.06
C VAL A 99 19.48 -52.35 1.50
N SER A 100 20.35 -52.71 0.55
CA SER A 100 21.79 -53.00 0.78
C SER A 100 22.51 -51.76 1.32
N LYS A 101 21.96 -50.56 1.15
CA LYS A 101 22.52 -49.30 1.69
C LYS A 101 22.26 -49.18 3.19
N LEU A 102 21.41 -50.03 3.77
CA LEU A 102 21.17 -50.11 5.23
C LEU A 102 21.99 -51.26 5.82
N ALA A 103 22.45 -51.11 7.06
CA ALA A 103 23.18 -52.14 7.85
C ALA A 103 22.45 -52.36 9.18
N ALA A 104 22.51 -53.58 9.73
CA ALA A 104 21.82 -53.93 11.02
C ALA A 104 22.53 -53.20 12.15
N GLY A 105 21.77 -52.83 13.20
CA GLY A 105 22.27 -52.13 14.40
C GLY A 105 22.83 -50.75 14.13
N GLN A 106 22.51 -50.14 12.97
CA GLN A 106 22.78 -48.70 12.69
C GLN A 106 21.48 -47.94 12.96
N ASP A 107 21.57 -46.69 13.41
CA ASP A 107 20.39 -45.81 13.64
C ASP A 107 20.15 -44.94 12.40
N TYR A 108 18.95 -45.01 11.82
CA TYR A 108 18.57 -44.21 10.63
C TYR A 108 17.45 -43.26 11.03
N ALA A 109 17.54 -42.03 10.54
CA ALA A 109 16.53 -40.98 10.73
C ALA A 109 15.99 -40.55 9.37
N TYR A 110 14.70 -40.26 9.32
CA TYR A 110 14.10 -39.54 8.18
C TYR A 110 13.51 -38.23 8.68
N PHE A 111 13.46 -37.28 7.77
CA PHE A 111 13.04 -35.90 8.08
C PHE A 111 12.64 -35.23 6.78
N CYS A 112 11.92 -34.12 6.92
CA CYS A 112 11.71 -33.13 5.86
C CYS A 112 12.83 -32.08 5.96
N SER A 113 13.48 -31.75 4.85
CA SER A 113 14.62 -30.81 4.78
C SER A 113 14.15 -29.44 4.31
N PHE A 114 12.83 -29.26 4.11
CA PHE A 114 12.24 -27.94 3.84
C PHE A 114 12.58 -27.03 5.02
N PRO A 115 13.14 -25.82 4.80
CA PRO A 115 13.73 -25.03 5.89
C PRO A 115 12.82 -24.91 7.12
N GLY A 116 13.32 -25.31 8.29
CA GLY A 116 12.63 -25.23 9.60
C GLY A 116 11.81 -26.47 9.95
N HIS A 117 11.53 -27.37 9.00
CA HIS A 117 10.57 -28.48 9.18
C HIS A 117 11.19 -29.67 9.91
N PHE A 118 12.51 -29.86 9.91
CA PHE A 118 13.15 -31.06 10.52
C PHE A 118 12.82 -31.15 12.01
N ALA A 119 12.66 -30.02 12.67
CA ALA A 119 12.26 -29.92 14.10
C ALA A 119 10.97 -30.71 14.36
N LEU A 120 9.97 -30.63 13.47
CA LEU A 120 8.60 -31.20 13.67
C LEU A 120 8.43 -32.51 12.88
N MET A 121 9.07 -32.61 11.71
CA MET A 121 8.83 -33.69 10.71
C MET A 121 10.04 -34.61 10.64
N LYS A 122 10.06 -35.60 11.53
CA LYS A 122 11.19 -36.54 11.75
C LYS A 122 10.61 -37.89 12.18
N GLY A 123 11.40 -38.94 12.00
CA GLY A 123 11.10 -40.30 12.46
C GLY A 123 12.33 -41.17 12.41
N VAL A 124 12.20 -42.42 12.85
CA VAL A 124 13.31 -43.41 12.85
C VAL A 124 12.94 -44.51 11.84
N LEU A 125 13.91 -44.88 11.02
CA LEU A 125 13.77 -46.05 10.11
C LEU A 125 14.67 -47.13 10.67
N LYS A 126 14.11 -48.32 10.86
CA LYS A 126 14.84 -49.51 11.39
C LYS A 126 14.83 -50.61 10.34
N LEU A 127 16.01 -51.19 10.09
CA LEU A 127 16.18 -52.47 9.37
C LEU A 127 15.76 -53.60 10.30
N VAL A 128 14.96 -54.54 9.79
CA VAL A 128 14.38 -55.63 10.61
C VAL A 128 14.60 -56.98 9.89
N ASP A 129 14.68 -58.08 10.67
CA ASP A 129 14.87 -59.52 10.27
C ASP A 129 16.20 -60.05 10.86
N ALA B 1 -17.91 -11.54 -7.05
CA ALA B 1 -18.23 -10.09 -6.85
C ALA B 1 -17.91 -9.33 -8.14
N GLU B 2 -18.08 -7.99 -8.13
CA GLU B 2 -17.68 -7.07 -9.23
C GLU B 2 -16.14 -7.02 -9.32
N CYS B 3 -15.61 -6.61 -10.46
CA CYS B 3 -14.16 -6.75 -10.80
C CYS B 3 -13.71 -5.33 -11.14
N SER B 4 -13.82 -4.45 -10.16
CA SER B 4 -13.79 -2.98 -10.38
C SER B 4 -13.30 -2.29 -9.11
N VAL B 5 -12.88 -1.04 -9.27
CA VAL B 5 -12.40 -0.19 -8.16
C VAL B 5 -12.79 1.26 -8.47
N ASP B 6 -13.20 1.99 -7.44
CA ASP B 6 -13.38 3.46 -7.45
C ASP B 6 -12.10 4.08 -6.88
N ILE B 7 -11.42 4.92 -7.66
CA ILE B 7 -10.22 5.65 -7.19
C ILE B 7 -10.43 7.14 -7.47
N ALA B 8 -9.89 8.01 -6.63
CA ALA B 8 -10.11 9.47 -6.71
C ALA B 8 -8.82 10.24 -6.42
N GLY B 9 -8.66 11.39 -7.07
CA GLY B 9 -7.80 12.47 -6.58
C GLY B 9 -8.32 12.97 -5.25
N ASN B 10 -7.46 13.28 -4.30
CA ASN B 10 -7.90 13.77 -2.96
C ASN B 10 -7.47 15.23 -2.79
N ASP B 11 -7.71 15.78 -1.61
CA ASP B 11 -7.49 17.22 -1.31
C ASP B 11 -5.99 17.46 -1.02
N GLN B 12 -5.15 16.43 -1.05
CA GLN B 12 -3.66 16.56 -0.91
C GLN B 12 -2.99 16.37 -2.28
N MET B 13 -3.77 16.33 -3.36
CA MET B 13 -3.29 16.10 -4.76
C MET B 13 -2.58 14.74 -4.86
N GLN B 14 -3.13 13.71 -4.23
CA GLN B 14 -2.67 12.29 -4.30
C GLN B 14 -3.85 11.42 -4.71
N PHE B 15 -3.64 10.14 -5.06
CA PHE B 15 -4.74 9.15 -5.16
C PHE B 15 -5.18 8.80 -3.73
N ASP B 16 -6.48 8.61 -3.49
CA ASP B 16 -6.98 8.13 -2.17
C ASP B 16 -6.48 6.68 -1.92
N LYS B 17 -6.24 5.89 -2.96
CA LYS B 17 -5.74 4.50 -2.84
C LYS B 17 -4.35 4.37 -3.46
N LYS B 18 -3.40 3.82 -2.70
CA LYS B 18 -2.02 3.51 -3.14
C LYS B 18 -1.94 2.04 -3.61
N GLU B 19 -3.01 1.27 -3.46
CA GLU B 19 -3.03 -0.15 -3.89
C GLU B 19 -4.34 -0.49 -4.59
N ILE B 20 -4.23 -1.19 -5.72
CA ILE B 20 -5.38 -1.82 -6.41
C ILE B 20 -5.07 -3.31 -6.55
N THR B 21 -6.05 -4.15 -6.22
CA THR B 21 -5.95 -5.62 -6.33
C THR B 21 -6.92 -6.09 -7.42
N VAL B 22 -6.41 -6.91 -8.34
CA VAL B 22 -7.19 -7.53 -9.46
C VAL B 22 -7.17 -9.05 -9.25
N SER B 23 -8.35 -9.66 -9.08
CA SER B 23 -8.52 -11.13 -8.94
C SER B 23 -8.24 -11.82 -10.28
N LYS B 24 -7.46 -12.89 -10.28
CA LYS B 24 -7.18 -13.72 -11.49
C LYS B 24 -8.47 -14.34 -12.06
N SER B 25 -9.55 -14.35 -11.29
CA SER B 25 -10.88 -14.89 -11.71
C SER B 25 -11.62 -13.89 -12.58
N CYS B 26 -11.16 -12.63 -12.61
CA CYS B 26 -11.76 -11.54 -13.44
C CYS B 26 -11.32 -11.69 -14.90
N LYS B 27 -12.26 -11.60 -15.82
CA LYS B 27 -11.95 -11.57 -17.27
C LYS B 27 -11.49 -10.15 -17.61
N GLN B 28 -12.22 -9.16 -17.10
CA GLN B 28 -11.95 -7.72 -17.32
C GLN B 28 -11.95 -7.02 -15.96
N PHE B 29 -11.29 -5.88 -15.88
CA PHE B 29 -11.20 -5.06 -14.66
C PHE B 29 -11.52 -3.61 -15.03
N THR B 30 -12.39 -2.98 -14.24
CA THR B 30 -12.89 -1.60 -14.47
C THR B 30 -12.32 -0.67 -13.39
N VAL B 31 -11.69 0.43 -13.81
CA VAL B 31 -11.21 1.50 -12.92
C VAL B 31 -12.08 2.74 -13.16
N ASN B 32 -12.77 3.20 -12.12
CA ASN B 32 -13.65 4.39 -12.12
C ASN B 32 -12.89 5.51 -11.42
N LEU B 33 -12.43 6.50 -12.18
CA LEU B 33 -11.64 7.63 -11.66
C LEU B 33 -12.59 8.82 -11.43
N LYS B 34 -12.50 9.40 -10.23
CA LYS B 34 -13.24 10.62 -9.83
C LYS B 34 -12.21 11.72 -9.53
N HIS B 35 -12.55 12.96 -9.88
CA HIS B 35 -11.82 14.21 -9.56
C HIS B 35 -12.79 15.11 -8.81
N PRO B 36 -12.87 15.05 -7.47
CA PRO B 36 -13.84 15.86 -6.73
C PRO B 36 -13.59 17.37 -6.86
N GLY B 37 -12.34 17.79 -7.11
CA GLY B 37 -11.98 19.16 -7.50
C GLY B 37 -11.72 20.06 -6.31
N LYS B 38 -11.62 19.48 -5.11
CA LYS B 38 -11.40 20.19 -3.83
C LYS B 38 -9.94 19.94 -3.42
N LEU B 39 -9.25 21.02 -3.06
CA LEU B 39 -7.87 20.95 -2.49
C LEU B 39 -7.87 21.65 -1.14
N ALA B 40 -7.17 21.07 -0.17
CA ALA B 40 -7.01 21.61 1.18
C ALA B 40 -6.15 22.88 1.13
N LYS B 41 -6.30 23.73 2.13
CA LYS B 41 -5.58 25.03 2.27
C LYS B 41 -4.05 24.80 2.31
N ASN B 42 -3.58 23.71 2.91
CA ASN B 42 -2.12 23.44 3.10
C ASN B 42 -1.46 23.13 1.75
N VAL B 43 -2.19 22.74 0.69
CA VAL B 43 -1.58 22.49 -0.64
C VAL B 43 -2.03 23.53 -1.67
N MET B 44 -3.20 24.15 -1.49
CA MET B 44 -3.73 25.16 -2.44
C MET B 44 -4.41 26.29 -1.66
N GLY B 45 -3.61 27.15 -1.06
CA GLY B 45 -4.11 28.35 -0.35
C GLY B 45 -3.67 29.59 -1.08
N HIS B 46 -4.41 30.68 -0.92
CA HIS B 46 -4.06 31.99 -1.49
C HIS B 46 -4.10 33.07 -0.40
N ASN B 47 -3.25 34.06 -0.57
CA ASN B 47 -3.32 35.33 0.18
C ASN B 47 -3.10 36.46 -0.83
N TRP B 48 -3.15 37.69 -0.33
CA TRP B 48 -2.86 38.92 -1.11
C TRP B 48 -1.88 39.73 -0.27
N VAL B 49 -0.73 40.05 -0.85
CA VAL B 49 0.43 40.69 -0.19
C VAL B 49 0.86 41.87 -1.04
N LEU B 50 1.05 43.03 -0.41
CA LEU B 50 1.40 44.30 -1.09
C LEU B 50 2.78 44.75 -0.61
N THR B 51 3.68 45.03 -1.56
CA THR B 51 5.03 45.60 -1.32
C THR B 51 5.38 46.56 -2.45
N LYS B 52 6.42 47.38 -2.23
CA LYS B 52 7.18 48.02 -3.31
C LYS B 52 7.66 46.91 -4.25
N GLN B 53 7.64 47.17 -5.56
CA GLN B 53 8.12 46.25 -6.61
C GLN B 53 9.50 45.68 -6.23
N ALA B 54 10.44 46.51 -5.81
CA ALA B 54 11.85 46.11 -5.50
C ALA B 54 11.90 45.20 -4.27
N ASP B 55 10.87 45.21 -3.41
CA ASP B 55 10.81 44.41 -2.16
C ASP B 55 10.07 43.07 -2.36
N MET B 56 9.43 42.84 -3.52
CA MET B 56 8.57 41.64 -3.77
C MET B 56 9.38 40.36 -3.52
N GLN B 57 10.50 40.21 -4.20
CA GLN B 57 11.27 38.95 -4.25
C GLN B 57 11.72 38.58 -2.82
N GLY B 58 12.30 39.53 -2.09
CA GLY B 58 12.71 39.31 -0.69
C GLY B 58 11.53 38.90 0.20
N ALA B 59 10.39 39.61 0.08
CA ALA B 59 9.18 39.38 0.90
C ALA B 59 8.63 37.99 0.61
N VAL B 60 8.57 37.60 -0.67
CA VAL B 60 8.08 36.26 -1.09
C VAL B 60 8.98 35.16 -0.52
N ASN B 61 10.30 35.33 -0.66
CA ASN B 61 11.29 34.30 -0.20
C ASN B 61 11.17 34.14 1.32
N ASP B 62 11.20 35.24 2.08
CA ASP B 62 11.10 35.19 3.56
C ASP B 62 9.69 34.71 3.94
N GLY B 63 8.69 35.03 3.11
CA GLY B 63 7.30 34.62 3.32
C GLY B 63 7.15 33.12 3.20
N MET B 64 7.74 32.48 2.19
CA MET B 64 7.74 30.99 2.06
C MET B 64 8.36 30.37 3.30
N ALA B 65 9.49 30.92 3.75
CA ALA B 65 10.25 30.41 4.91
C ALA B 65 9.43 30.55 6.20
N ALA B 66 8.51 31.52 6.27
CA ALA B 66 7.78 31.86 7.51
C ALA B 66 6.70 30.80 7.82
N GLY B 67 6.22 30.07 6.81
CA GLY B 67 5.24 28.97 7.00
C GLY B 67 3.80 29.43 7.00
N LEU B 68 2.89 28.46 6.87
CA LEU B 68 1.41 28.64 6.83
C LEU B 68 0.90 29.32 8.11
N ASP B 69 1.52 29.04 9.26
CA ASP B 69 1.18 29.61 10.59
C ASP B 69 1.29 31.14 10.58
N ASN B 70 2.20 31.69 9.77
CA ASN B 70 2.45 33.14 9.61
C ASN B 70 1.83 33.66 8.30
N ASN B 71 0.90 32.91 7.69
CA ASN B 71 0.22 33.27 6.42
C ASN B 71 1.27 33.50 5.32
N TYR B 72 2.37 32.78 5.39
CA TYR B 72 3.51 32.85 4.44
C TYR B 72 3.96 34.30 4.29
N VAL B 73 3.98 35.02 5.41
CA VAL B 73 4.55 36.39 5.50
C VAL B 73 5.42 36.44 6.75
N LYS B 74 6.67 36.87 6.61
CA LYS B 74 7.59 37.05 7.77
C LYS B 74 6.93 37.99 8.78
N LYS B 75 6.84 37.56 10.03
CA LYS B 75 6.23 38.35 11.15
C LYS B 75 6.85 39.74 11.17
N ASP B 76 6.02 40.79 11.12
CA ASP B 76 6.44 42.22 11.26
C ASP B 76 7.40 42.61 10.14
N ASP B 77 7.27 41.99 8.96
CA ASP B 77 8.13 42.29 7.78
C ASP B 77 7.84 43.73 7.37
N ALA B 78 8.84 44.60 7.48
CA ALA B 78 8.76 46.05 7.21
C ALA B 78 8.43 46.31 5.73
N ARG B 79 8.73 45.39 4.82
CA ARG B 79 8.50 45.57 3.36
C ARG B 79 7.02 45.34 3.01
N VAL B 80 6.28 44.67 3.89
CA VAL B 80 4.88 44.27 3.61
C VAL B 80 3.96 45.38 4.12
N ILE B 81 3.40 46.13 3.19
CA ILE B 81 2.47 47.27 3.49
C ILE B 81 1.17 46.68 4.06
N ALA B 82 0.69 45.58 3.49
CA ALA B 82 -0.55 44.90 3.95
C ALA B 82 -0.59 43.48 3.38
N HIS B 83 -1.30 42.58 4.05
CA HIS B 83 -1.51 41.21 3.60
C HIS B 83 -2.80 40.67 4.21
N THR B 84 -3.48 39.79 3.48
CA THR B 84 -4.57 38.95 4.02
C THR B 84 -3.98 37.71 4.68
N LYS B 85 -4.81 36.99 5.41
CA LYS B 85 -4.58 35.59 5.80
C LYS B 85 -4.49 34.75 4.53
N VAL B 86 -3.85 33.59 4.65
CA VAL B 86 -3.97 32.50 3.66
C VAL B 86 -5.36 31.87 3.85
N ILE B 87 -6.11 31.74 2.77
CA ILE B 87 -7.49 31.16 2.81
C ILE B 87 -7.53 29.96 1.87
N GLY B 88 -8.44 29.03 2.17
CA GLY B 88 -8.73 27.84 1.34
C GLY B 88 -9.96 28.07 0.49
N GLY B 89 -10.31 27.11 -0.36
CA GLY B 89 -11.46 27.19 -1.29
C GLY B 89 -12.75 27.47 -0.54
N GLY B 90 -13.58 28.36 -1.08
CA GLY B 90 -14.85 28.80 -0.48
C GLY B 90 -14.69 29.79 0.65
N GLU B 91 -13.45 30.19 1.00
CA GLU B 91 -13.21 31.14 2.11
C GLU B 91 -13.03 32.59 1.59
N THR B 92 -13.03 33.57 2.49
CA THR B 92 -12.85 35.02 2.20
C THR B 92 -11.98 35.63 3.29
N ASP B 93 -11.15 36.61 2.95
CA ASP B 93 -10.48 37.47 3.97
C ASP B 93 -10.31 38.87 3.39
N SER B 94 -10.34 39.87 4.28
CA SER B 94 -10.22 41.30 3.92
C SER B 94 -9.08 41.91 4.72
N VAL B 95 -8.34 42.81 4.08
CA VAL B 95 -7.34 43.64 4.80
C VAL B 95 -7.57 45.11 4.44
N THR B 96 -7.47 45.98 5.44
CA THR B 96 -7.60 47.44 5.30
C THR B 96 -6.25 48.04 5.71
N PHE B 97 -5.72 48.96 4.92
CA PHE B 97 -4.45 49.65 5.25
C PHE B 97 -4.59 51.15 4.99
N ASP B 98 -3.71 51.91 5.63
CA ASP B 98 -3.63 53.39 5.50
C ASP B 98 -3.02 53.71 4.14
N VAL B 99 -3.70 54.54 3.35
CA VAL B 99 -3.21 54.99 2.02
C VAL B 99 -1.98 55.88 2.18
N SER B 100 -1.75 56.45 3.36
CA SER B 100 -0.55 57.25 3.72
C SER B 100 0.73 56.40 3.60
N LYS B 101 0.61 55.07 3.62
CA LYS B 101 1.78 54.14 3.45
C LYS B 101 2.18 54.05 1.97
N LEU B 102 1.37 54.57 1.04
CA LEU B 102 1.72 54.68 -0.40
C LEU B 102 2.24 56.09 -0.71
N ALA B 103 3.17 56.21 -1.65
CA ALA B 103 3.74 57.49 -2.14
C ALA B 103 3.59 57.55 -3.67
N ALA B 104 3.42 58.75 -4.24
CA ALA B 104 3.26 58.96 -5.70
C ALA B 104 4.59 58.59 -6.38
N GLY B 105 4.52 58.09 -7.63
CA GLY B 105 5.68 57.74 -8.46
C GLY B 105 6.51 56.59 -7.89
N GLN B 106 5.95 55.81 -6.96
CA GLN B 106 6.54 54.53 -6.49
C GLN B 106 5.80 53.41 -7.25
N ASP B 107 6.50 52.31 -7.54
CA ASP B 107 5.90 51.10 -8.19
C ASP B 107 5.52 50.10 -7.09
N TYR B 108 4.26 49.68 -7.03
CA TYR B 108 3.77 48.71 -6.03
C TYR B 108 3.33 47.45 -6.75
N ALA B 109 3.66 46.30 -6.15
CA ALA B 109 3.26 44.97 -6.64
C ALA B 109 2.45 44.27 -5.55
N TYR B 110 1.45 43.51 -5.98
CA TYR B 110 0.77 42.54 -5.09
C TYR B 110 0.93 41.15 -5.67
N PHE B 111 0.90 40.17 -4.78
CA PHE B 111 1.18 38.76 -5.13
C PHE B 111 0.59 37.89 -4.03
N CYS B 112 0.46 36.62 -4.34
CA CYS B 112 0.24 35.54 -3.37
C CYS B 112 1.60 34.99 -2.95
N SER B 113 1.83 34.84 -1.64
CA SER B 113 3.12 34.39 -1.06
C SER B 113 3.05 32.90 -0.72
N PHE B 114 1.93 32.24 -1.05
CA PHE B 114 1.83 30.77 -0.94
C PHE B 114 2.90 30.17 -1.84
N PRO B 115 3.75 29.23 -1.34
CA PRO B 115 4.97 28.86 -2.05
C PRO B 115 4.72 28.49 -3.52
N GLY B 116 5.43 29.16 -4.45
CA GLY B 116 5.37 28.92 -5.91
C GLY B 116 4.32 29.78 -6.63
N HIS B 117 3.39 30.42 -5.93
CA HIS B 117 2.22 31.09 -6.54
C HIS B 117 2.56 32.48 -7.09
N PHE B 118 3.60 33.15 -6.61
CA PHE B 118 3.93 34.53 -7.05
C PHE B 118 4.18 34.59 -8.56
N ALA B 119 4.70 33.52 -9.15
CA ALA B 119 4.92 33.38 -10.61
C ALA B 119 3.61 33.64 -11.38
N LEU B 120 2.47 33.12 -10.92
CA LEU B 120 1.16 33.18 -11.63
C LEU B 120 0.25 34.29 -11.06
N MET B 121 0.34 34.56 -9.76
CA MET B 121 -0.63 35.39 -8.99
C MET B 121 0.05 36.68 -8.54
N LYS B 122 0.01 37.67 -9.42
CA LYS B 122 0.72 38.97 -9.27
C LYS B 122 -0.09 40.04 -10.00
N GLY B 123 0.14 41.29 -9.60
CA GLY B 123 -0.44 42.47 -10.25
C GLY B 123 0.27 43.72 -9.78
N VAL B 124 -0.16 44.85 -10.33
CA VAL B 124 0.42 46.18 -10.04
C VAL B 124 -0.66 46.99 -9.32
N LEU B 125 -0.27 47.65 -8.23
CA LEU B 125 -1.15 48.59 -7.51
C LEU B 125 -0.58 49.97 -7.77
N LYS B 126 -1.42 50.90 -8.23
CA LYS B 126 -1.05 52.30 -8.52
C LYS B 126 -1.83 53.24 -7.61
N LEU B 127 -1.11 54.19 -7.01
CA LEU B 127 -1.69 55.40 -6.37
C LEU B 127 -2.09 56.36 -7.49
N VAL B 128 -3.30 56.90 -7.40
CA VAL B 128 -3.90 57.72 -8.49
C VAL B 128 -4.48 59.02 -7.88
N ASP B 129 -4.59 60.07 -8.70
CA ASP B 129 -5.15 61.44 -8.42
C ASP B 129 -4.03 62.50 -8.60
N ALA C 1 -14.17 58.48 -5.35
CA ALA C 1 -13.91 57.10 -5.86
C ALA C 1 -14.31 56.07 -4.78
N GLU C 2 -14.21 54.78 -5.12
CA GLU C 2 -14.35 53.65 -4.15
C GLU C 2 -13.07 53.57 -3.33
N CYS C 3 -13.15 53.16 -2.05
CA CYS C 3 -11.96 52.91 -1.21
C CYS C 3 -11.82 51.41 -0.90
N SER C 4 -12.26 50.54 -1.80
CA SER C 4 -12.17 49.08 -1.66
C SER C 4 -12.18 48.43 -3.04
N VAL C 5 -11.72 47.18 -3.09
CA VAL C 5 -11.69 46.36 -4.33
C VAL C 5 -11.93 44.90 -3.94
N ASP C 6 -12.70 44.19 -4.77
CA ASP C 6 -12.96 42.74 -4.68
C ASP C 6 -11.98 42.06 -5.64
N ILE C 7 -11.13 41.16 -5.13
CA ILE C 7 -10.17 40.40 -6.00
C ILE C 7 -10.31 38.92 -5.66
N ALA C 8 -10.13 38.05 -6.64
CA ALA C 8 -10.35 36.60 -6.50
C ALA C 8 -9.29 35.80 -7.26
N GLY C 9 -8.93 34.64 -6.73
CA GLY C 9 -8.29 33.57 -7.52
C GLY C 9 -9.24 33.12 -8.62
N ASN C 10 -8.74 32.80 -9.81
CA ASN C 10 -9.59 32.28 -10.91
C ASN C 10 -9.20 30.83 -11.22
N ASP C 11 -9.77 30.24 -12.27
CA ASP C 11 -9.62 28.80 -12.60
C ASP C 11 -8.30 28.59 -13.36
N GLN C 12 -7.52 29.64 -13.62
CA GLN C 12 -6.16 29.52 -14.22
C GLN C 12 -5.09 29.73 -13.13
N MET C 13 -5.50 29.79 -11.86
CA MET C 13 -4.61 30.05 -10.69
C MET C 13 -3.89 31.40 -10.87
N GLN C 14 -4.64 32.41 -11.31
CA GLN C 14 -4.20 33.83 -11.41
C GLN C 14 -5.21 34.67 -10.62
N PHE C 15 -4.88 35.93 -10.34
CA PHE C 15 -5.89 36.91 -9.85
C PHE C 15 -6.79 37.27 -11.04
N ASP C 16 -8.09 37.47 -10.82
CA ASP C 16 -9.02 37.99 -11.87
C ASP C 16 -8.62 39.42 -12.27
N LYS C 17 -8.01 40.21 -11.37
CA LYS C 17 -7.54 41.59 -11.68
C LYS C 17 -6.01 41.66 -11.61
N LYS C 18 -5.37 42.21 -12.66
CA LYS C 18 -3.89 42.40 -12.76
C LYS C 18 -3.52 43.81 -12.33
N GLU C 19 -4.51 44.66 -12.07
CA GLU C 19 -4.29 46.07 -11.69
C GLU C 19 -5.27 46.49 -10.60
N ILE C 20 -4.80 47.20 -9.58
CA ILE C 20 -5.67 47.84 -8.54
C ILE C 20 -5.31 49.32 -8.52
N THR C 21 -6.32 50.19 -8.45
CA THR C 21 -6.20 51.65 -8.38
C THR C 21 -6.64 52.11 -6.98
N VAL C 22 -5.78 52.87 -6.31
CA VAL C 22 -6.09 53.51 -4.99
C VAL C 22 -6.06 55.03 -5.17
N SER C 23 -7.19 55.69 -4.96
CA SER C 23 -7.29 57.18 -4.98
C SER C 23 -6.63 57.74 -3.71
N LYS C 24 -5.77 58.76 -3.82
CA LYS C 24 -5.16 59.39 -2.62
C LYS C 24 -6.19 60.22 -1.85
N SER C 25 -7.45 60.30 -2.31
CA SER C 25 -8.58 60.88 -1.52
C SER C 25 -9.08 59.88 -0.47
N CYS C 26 -8.69 58.61 -0.58
CA CYS C 26 -9.02 57.54 0.41
C CYS C 26 -8.05 57.65 1.59
N LYS C 27 -8.56 57.65 2.82
CA LYS C 27 -7.72 57.60 4.04
C LYS C 27 -7.23 56.15 4.23
N GLN C 28 -8.16 55.20 4.07
CA GLN C 28 -7.88 53.74 4.15
C GLN C 28 -8.38 53.08 2.87
N PHE C 29 -7.81 51.92 2.56
CA PHE C 29 -8.19 51.10 1.39
C PHE C 29 -8.32 49.65 1.83
N THR C 30 -9.41 49.00 1.40
CA THR C 30 -9.80 47.64 1.78
C THR C 30 -9.69 46.73 0.55
N VAL C 31 -8.94 45.63 0.67
CA VAL C 31 -8.89 44.54 -0.35
C VAL C 31 -9.67 43.33 0.20
N ASN C 32 -10.70 42.91 -0.53
CA ASN C 32 -11.55 41.73 -0.20
C ASN C 32 -11.12 40.59 -1.12
N LEU C 33 -10.44 39.58 -0.56
CA LEU C 33 -9.94 38.41 -1.32
C LEU C 33 -10.94 37.25 -1.21
N LYS C 34 -11.29 36.67 -2.34
CA LYS C 34 -12.09 35.42 -2.44
C LYS C 34 -11.23 34.31 -3.08
N HIS C 35 -11.42 33.07 -2.61
CA HIS C 35 -10.84 31.83 -3.18
C HIS C 35 -11.99 30.92 -3.58
N PRO C 36 -12.52 30.98 -4.82
CA PRO C 36 -13.65 30.14 -5.20
C PRO C 36 -13.34 28.64 -5.18
N GLY C 37 -12.07 28.25 -5.37
CA GLY C 37 -11.58 26.87 -5.14
C GLY C 37 -11.70 25.99 -6.37
N LYS C 38 -12.01 26.59 -7.52
CA LYS C 38 -12.32 25.90 -8.79
C LYS C 38 -11.12 26.10 -9.71
N LEU C 39 -10.60 25.02 -10.30
CA LEU C 39 -9.48 25.08 -11.28
C LEU C 39 -9.92 24.37 -12.57
N ALA C 40 -9.55 24.93 -13.71
CA ALA C 40 -9.87 24.38 -15.04
C ALA C 40 -9.04 23.10 -15.25
N LYS C 41 -9.53 22.22 -16.13
CA LYS C 41 -8.89 20.93 -16.48
C LYS C 41 -7.46 21.16 -17.01
N ASN C 42 -7.22 22.25 -17.76
CA ASN C 42 -5.92 22.51 -18.43
C ASN C 42 -4.82 22.82 -17.40
N VAL C 43 -5.16 23.22 -16.16
CA VAL C 43 -4.13 23.48 -15.10
C VAL C 43 -4.22 22.45 -13.98
N MET C 44 -5.38 21.84 -13.74
CA MET C 44 -5.56 20.83 -12.67
C MET C 44 -6.47 19.69 -13.17
N GLY C 45 -5.91 18.80 -13.97
CA GLY C 45 -6.58 17.58 -14.43
C GLY C 45 -5.91 16.34 -13.86
N HIS C 46 -6.62 15.22 -13.79
CA HIS C 46 -6.06 13.90 -13.43
C HIS C 46 -6.45 12.85 -14.47
N ASN C 47 -5.58 11.85 -14.60
CA ASN C 47 -5.92 10.59 -15.32
C ASN C 47 -5.39 9.45 -14.47
N TRP C 48 -5.60 8.23 -14.95
CA TRP C 48 -5.07 7.00 -14.34
C TRP C 48 -4.45 6.17 -15.47
N VAL C 49 -3.18 5.83 -15.32
CA VAL C 49 -2.34 5.19 -16.35
C VAL C 49 -1.68 3.98 -15.71
N LEU C 50 -1.75 2.82 -16.36
CA LEU C 50 -1.21 1.53 -15.85
C LEU C 50 -0.08 1.07 -16.76
N THR C 51 1.08 0.78 -16.16
CA THR C 51 2.26 0.21 -16.84
C THR C 51 2.93 -0.82 -15.92
N LYS C 52 3.84 -1.61 -16.49
CA LYS C 52 4.91 -2.29 -15.72
C LYS C 52 5.67 -1.20 -14.94
N GLN C 53 6.05 -1.50 -13.70
CA GLN C 53 6.84 -0.62 -12.80
C GLN C 53 8.01 -0.01 -13.60
N ALA C 54 8.79 -0.84 -14.31
CA ALA C 54 10.03 -0.42 -15.01
C ALA C 54 9.72 0.55 -16.16
N ASP C 55 8.48 0.57 -16.66
CA ASP C 55 8.05 1.41 -17.82
C ASP C 55 7.43 2.74 -17.35
N MET C 56 7.20 2.97 -16.05
CA MET C 56 6.51 4.18 -15.54
C MET C 56 7.18 5.46 -16.08
N GLN C 57 8.47 5.63 -15.81
CA GLN C 57 9.23 6.88 -16.04
C GLN C 57 9.16 7.23 -17.53
N GLY C 58 9.45 6.27 -18.41
CA GLY C 58 9.40 6.49 -19.87
C GLY C 58 8.00 6.90 -20.33
N ALA C 59 6.99 6.18 -19.85
CA ALA C 59 5.57 6.39 -20.24
C ALA C 59 5.12 7.77 -19.78
N VAL C 60 5.47 8.15 -18.56
CA VAL C 60 5.05 9.48 -18.02
C VAL C 60 5.78 10.60 -18.78
N ASN C 61 7.08 10.46 -19.10
CA ASN C 61 7.84 11.51 -19.83
C ASN C 61 7.20 11.70 -21.21
N ASP C 62 7.01 10.62 -21.96
CA ASP C 62 6.42 10.70 -23.33
C ASP C 62 4.96 11.16 -23.22
N GLY C 63 4.29 10.78 -22.12
CA GLY C 63 2.89 11.15 -21.84
C GLY C 63 2.75 12.65 -21.67
N MET C 64 3.59 13.26 -20.83
CA MET C 64 3.56 14.74 -20.63
C MET C 64 3.79 15.43 -21.98
N ALA C 65 4.72 14.93 -22.80
CA ALA C 65 5.09 15.54 -24.09
C ALA C 65 3.91 15.45 -25.07
N ALA C 66 3.02 14.47 -24.90
CA ALA C 66 1.95 14.17 -25.90
C ALA C 66 0.81 15.19 -25.79
N GLY C 67 0.66 15.88 -24.66
CA GLY C 67 -0.32 16.99 -24.51
C GLY C 67 -1.69 16.52 -24.05
N LEU C 68 -2.53 17.47 -23.63
CA LEU C 68 -3.90 17.28 -23.09
C LEU C 68 -4.80 16.62 -24.14
N ASP C 69 -4.62 16.93 -25.42
CA ASP C 69 -5.41 16.37 -26.55
C ASP C 69 -5.23 14.86 -26.63
N ASN C 70 -4.08 14.33 -26.21
CA ASN C 70 -3.77 12.87 -26.17
C ASN C 70 -3.93 12.30 -24.73
N ASN C 71 -4.62 13.03 -23.84
CA ASN C 71 -4.82 12.66 -22.40
C ASN C 71 -3.47 12.40 -21.72
N TYR C 72 -2.46 13.15 -22.13
CA TYR C 72 -1.07 13.06 -21.61
C TYR C 72 -0.62 11.60 -21.64
N VAL C 73 -0.96 10.91 -22.73
CA VAL C 73 -0.44 9.55 -23.04
C VAL C 73 -0.02 9.54 -24.50
N LYS C 74 1.21 9.11 -24.77
CA LYS C 74 1.74 8.97 -26.14
C LYS C 74 0.82 8.02 -26.92
N LYS C 75 0.32 8.47 -28.07
CA LYS C 75 -0.54 7.69 -29.00
C LYS C 75 0.10 6.32 -29.22
N ASP C 76 -0.66 5.24 -28.99
CA ASP C 76 -0.28 3.84 -29.27
C ASP C 76 0.98 3.44 -28.48
N ASP C 77 1.19 4.03 -27.31
CA ASP C 77 2.35 3.69 -26.44
C ASP C 77 2.15 2.25 -25.96
N ALA C 78 3.04 1.35 -26.38
CA ALA C 78 3.01 -0.09 -26.10
C ALA C 78 3.17 -0.38 -24.60
N ARG C 79 3.77 0.53 -23.83
CA ARG C 79 4.02 0.32 -22.39
C ARG C 79 2.73 0.54 -21.58
N VAL C 80 1.73 1.21 -22.17
CA VAL C 80 0.52 1.62 -21.43
C VAL C 80 -0.53 0.53 -21.63
N ILE C 81 -0.77 -0.25 -20.58
CA ILE C 81 -1.74 -1.37 -20.60
C ILE C 81 -3.14 -0.78 -20.66
N ALA C 82 -3.41 0.31 -19.94
CA ALA C 82 -4.73 0.97 -19.93
C ALA C 82 -4.59 2.38 -19.34
N HIS C 83 -5.52 3.27 -19.69
CA HIS C 83 -5.52 4.66 -19.19
C HIS C 83 -6.94 5.21 -19.31
N THR C 84 -7.30 6.12 -18.40
CA THR C 84 -8.51 6.96 -18.52
C THR C 84 -8.17 8.19 -19.37
N LYS C 85 -9.20 8.93 -19.72
CA LYS C 85 -9.09 10.33 -20.18
C LYS C 85 -8.55 11.17 -19.01
N VAL C 86 -8.02 12.35 -19.33
CA VAL C 86 -7.79 13.42 -18.33
C VAL C 86 -9.14 14.04 -18.00
N ILE C 87 -9.46 14.19 -16.71
CA ILE C 87 -10.74 14.78 -16.25
C ILE C 87 -10.43 15.98 -15.35
N GLY C 88 -11.36 16.93 -15.30
CA GLY C 88 -11.32 18.11 -14.41
C GLY C 88 -12.21 17.89 -13.20
N GLY C 89 -12.27 18.89 -12.31
CA GLY C 89 -13.10 18.87 -11.10
C GLY C 89 -14.55 18.60 -11.43
N GLY C 90 -15.21 17.78 -10.63
CA GLY C 90 -16.61 17.36 -10.79
C GLY C 90 -16.80 16.30 -11.86
N GLU C 91 -15.76 15.90 -12.60
CA GLU C 91 -15.89 14.95 -13.74
C GLU C 91 -15.51 13.51 -13.30
N THR C 92 -15.84 12.54 -14.16
CA THR C 92 -15.64 11.08 -13.95
C THR C 92 -15.25 10.47 -15.29
N ASP C 93 -14.43 9.42 -15.24
CA ASP C 93 -14.12 8.58 -16.42
C ASP C 93 -13.79 7.18 -15.92
N SER C 94 -14.10 6.20 -16.76
CA SER C 94 -13.88 4.77 -16.47
C SER C 94 -13.10 4.16 -17.62
N VAL C 95 -12.22 3.22 -17.32
CA VAL C 95 -11.54 2.37 -18.34
C VAL C 95 -11.70 0.92 -17.90
N THR C 96 -11.96 0.03 -18.85
CA THR C 96 -12.04 -1.44 -18.63
C THR C 96 -10.92 -2.08 -19.46
N PHE C 97 -10.17 -3.02 -18.89
CA PHE C 97 -9.14 -3.75 -19.65
C PHE C 97 -9.22 -5.25 -19.36
N ASP C 98 -8.68 -6.04 -20.29
CA ASP C 98 -8.57 -7.50 -20.19
C ASP C 98 -7.50 -7.83 -19.15
N VAL C 99 -7.85 -8.66 -18.17
CA VAL C 99 -6.93 -9.10 -17.09
C VAL C 99 -5.86 -10.02 -17.69
N SER C 100 -6.09 -10.61 -18.87
CA SER C 100 -5.11 -11.45 -19.61
C SER C 100 -3.87 -10.62 -19.98
N LYS C 101 -3.96 -9.28 -19.98
CA LYS C 101 -2.80 -8.38 -20.24
C LYS C 101 -1.88 -8.31 -19.03
N LEU C 102 -2.31 -8.81 -17.86
CA LEU C 102 -1.45 -8.91 -16.65
C LEU C 102 -0.91 -10.35 -16.52
N ALA C 103 0.32 -10.51 -16.05
CA ALA C 103 1.00 -11.81 -15.84
C ALA C 103 1.48 -11.90 -14.38
N ALA C 104 1.48 -13.09 -13.80
CA ALA C 104 1.91 -13.34 -12.40
C ALA C 104 3.42 -13.03 -12.29
N GLY C 105 3.84 -12.57 -11.11
CA GLY C 105 5.25 -12.23 -10.80
C GLY C 105 5.79 -11.07 -11.61
N GLN C 106 4.94 -10.28 -12.27
CA GLN C 106 5.29 -8.96 -12.85
C GLN C 106 4.85 -7.88 -11.87
N ASP C 107 5.61 -6.78 -11.76
CA ASP C 107 5.25 -5.61 -10.90
C ASP C 107 4.52 -4.57 -11.77
N TYR C 108 3.31 -4.17 -11.37
CA TYR C 108 2.51 -3.15 -12.10
C TYR C 108 2.36 -1.92 -11.23
N ALA C 109 2.38 -0.75 -11.87
CA ALA C 109 2.25 0.56 -11.21
C ALA C 109 1.21 1.37 -11.97
N TYR C 110 0.51 2.25 -11.26
CA TYR C 110 -0.35 3.27 -11.89
C TYR C 110 0.08 4.64 -11.40
N PHE C 111 -0.26 5.64 -12.21
CA PHE C 111 0.13 7.05 -11.95
C PHE C 111 -0.79 7.95 -12.75
N CYS C 112 -0.80 9.21 -12.37
CA CYS C 112 -1.36 10.31 -13.18
C CYS C 112 -0.23 10.90 -14.02
N SER C 113 -0.46 11.10 -15.32
CA SER C 113 0.56 11.60 -16.28
C SER C 113 0.34 13.09 -16.54
N PHE C 114 -0.59 13.73 -15.82
CA PHE C 114 -0.79 15.19 -15.90
C PHE C 114 0.51 15.86 -15.42
N PRO C 115 1.09 16.80 -16.20
CA PRO C 115 2.41 17.34 -15.91
C PRO C 115 2.57 17.81 -14.45
N GLY C 116 3.58 17.28 -13.76
CA GLY C 116 3.93 17.63 -12.36
C GLY C 116 3.29 16.72 -11.33
N HIS C 117 2.32 15.88 -11.70
CA HIS C 117 1.50 15.09 -10.71
C HIS C 117 2.23 13.80 -10.28
N PHE C 118 3.12 13.31 -11.15
CA PHE C 118 3.68 11.94 -11.11
C PHE C 118 4.32 11.65 -9.74
N ALA C 119 5.03 12.63 -9.16
CA ALA C 119 5.79 12.42 -7.90
C ALA C 119 4.83 12.00 -6.78
N LEU C 120 3.63 12.59 -6.70
CA LEU C 120 2.65 12.40 -5.59
C LEU C 120 1.53 11.42 -5.96
N MET C 121 1.22 11.26 -7.25
CA MET C 121 0.07 10.45 -7.72
C MET C 121 0.54 9.13 -8.35
N LYS C 122 0.74 8.13 -7.51
CA LYS C 122 1.35 6.81 -7.82
C LYS C 122 0.68 5.74 -6.97
N GLY C 123 0.65 4.49 -7.45
CA GLY C 123 0.27 3.31 -6.64
C GLY C 123 0.70 2.03 -7.31
N VAL C 124 0.45 0.88 -6.67
CA VAL C 124 0.83 -0.45 -7.21
C VAL C 124 -0.46 -1.21 -7.52
N LEU C 125 -0.51 -1.86 -8.68
CA LEU C 125 -1.62 -2.77 -9.03
C LEU C 125 -1.08 -4.20 -8.95
N LYS C 126 -1.78 -5.05 -8.21
CA LYS C 126 -1.34 -6.41 -7.83
C LYS C 126 -2.42 -7.40 -8.27
N LEU C 127 -1.99 -8.46 -8.96
CA LEU C 127 -2.77 -9.65 -9.34
C LEU C 127 -2.92 -10.52 -8.10
N VAL C 128 -4.12 -10.96 -7.76
CA VAL C 128 -4.47 -11.55 -6.43
C VAL C 128 -5.41 -12.74 -6.65
N ASP C 129 -5.38 -13.72 -5.72
CA ASP C 129 -6.20 -14.98 -5.61
C ASP C 129 -5.32 -16.24 -5.76
N ALA D 1 7.80 -59.10 5.11
CA ALA D 1 6.88 -57.92 5.15
C ALA D 1 6.74 -57.32 3.75
N GLU D 2 5.95 -56.24 3.64
CA GLU D 2 5.81 -55.34 2.46
C GLU D 2 7.16 -54.68 2.14
N CYS D 3 7.41 -54.27 0.90
CA CYS D 3 8.63 -53.52 0.52
C CYS D 3 8.31 -52.06 0.14
N SER D 4 7.25 -51.50 0.71
CA SER D 4 6.84 -50.09 0.49
C SER D 4 6.05 -49.59 1.69
N VAL D 5 5.95 -48.27 1.82
CA VAL D 5 5.20 -47.60 2.91
C VAL D 5 4.63 -46.29 2.36
N ASP D 6 3.40 -45.97 2.77
CA ASP D 6 2.70 -44.70 2.48
C ASP D 6 2.92 -43.78 3.69
N ILE D 7 3.51 -42.61 3.49
CA ILE D 7 3.72 -41.63 4.59
C ILE D 7 3.18 -40.27 4.12
N ALA D 8 2.64 -39.48 5.05
CA ALA D 8 1.95 -38.21 4.72
C ALA D 8 2.27 -37.15 5.78
N GLY D 9 2.34 -35.89 5.34
CA GLY D 9 2.19 -34.74 6.24
C GLY D 9 0.81 -34.75 6.87
N ASN D 10 0.68 -34.37 8.13
CA ASN D 10 -0.65 -34.27 8.79
C ASN D 10 -0.94 -32.80 9.11
N ASP D 11 -2.04 -32.54 9.83
CA ASP D 11 -2.55 -31.17 10.10
C ASP D 11 -1.78 -30.54 11.26
N GLN D 12 -0.82 -31.25 11.87
CA GLN D 12 0.10 -30.69 12.91
C GLN D 12 1.48 -30.42 12.30
N MET D 13 1.61 -30.53 10.98
CA MET D 13 2.90 -30.37 10.24
C MET D 13 3.94 -31.37 10.78
N GLN D 14 3.49 -32.61 10.99
CA GLN D 14 4.34 -33.77 11.36
C GLN D 14 4.07 -34.87 10.34
N PHE D 15 4.91 -35.91 10.29
CA PHE D 15 4.60 -37.14 9.52
C PHE D 15 3.51 -37.89 10.30
N ASP D 16 2.57 -38.54 9.63
CA ASP D 16 1.57 -39.43 10.27
C ASP D 16 2.28 -40.63 10.91
N LYS D 17 3.43 -41.08 10.39
CA LYS D 17 4.23 -42.20 10.96
C LYS D 17 5.57 -41.70 11.47
N LYS D 18 5.92 -42.05 12.72
CA LYS D 18 7.22 -41.70 13.37
C LYS D 18 8.21 -42.86 13.20
N GLU D 19 7.75 -43.99 12.68
CA GLU D 19 8.59 -45.21 12.56
C GLU D 19 8.31 -45.91 11.23
N ILE D 20 9.36 -46.33 10.54
CA ILE D 20 9.23 -47.12 9.28
C ILE D 20 10.07 -48.39 9.47
N THR D 21 9.53 -49.54 9.06
CA THR D 21 10.19 -50.85 9.12
C THR D 21 10.51 -51.31 7.70
N VAL D 22 11.78 -51.66 7.48
CA VAL D 22 12.28 -52.26 6.20
C VAL D 22 12.79 -53.67 6.48
N SER D 23 12.16 -54.68 5.91
CA SER D 23 12.63 -56.10 6.01
C SER D 23 13.90 -56.27 5.16
N LYS D 24 14.96 -56.90 5.69
CA LYS D 24 16.20 -57.11 4.87
C LYS D 24 15.95 -58.20 3.82
N SER D 25 14.75 -58.81 3.74
CA SER D 25 14.35 -59.71 2.63
C SER D 25 13.94 -58.89 1.40
N CYS D 26 13.72 -57.58 1.55
CA CYS D 26 13.45 -56.62 0.44
C CYS D 26 14.77 -56.27 -0.25
N LYS D 27 14.81 -56.35 -1.57
CA LYS D 27 15.99 -55.90 -2.37
C LYS D 27 15.93 -54.35 -2.45
N GLN D 28 14.75 -53.82 -2.75
CA GLN D 28 14.48 -52.37 -2.81
C GLN D 28 13.30 -52.04 -1.89
N PHE D 29 13.25 -50.78 -1.45
CA PHE D 29 12.15 -50.27 -0.60
C PHE D 29 11.66 -48.94 -1.18
N THR D 30 10.33 -48.77 -1.25
CA THR D 30 9.65 -47.62 -1.84
C THR D 30 8.93 -46.83 -0.75
N VAL D 31 9.19 -45.52 -0.67
CA VAL D 31 8.45 -44.57 0.21
C VAL D 31 7.58 -43.69 -0.68
N ASN D 32 6.26 -43.71 -0.44
CA ASN D 32 5.24 -42.91 -1.17
C ASN D 32 4.83 -41.76 -0.26
N LEU D 33 5.24 -40.54 -0.61
CA LEU D 33 4.95 -39.33 0.21
C LEU D 33 3.72 -38.62 -0.36
N LYS D 34 2.77 -38.30 0.51
CA LYS D 34 1.58 -37.46 0.22
C LYS D 34 1.65 -36.17 1.05
N HIS D 35 1.21 -35.05 0.48
CA HIS D 35 1.04 -33.72 1.13
C HIS D 35 -0.43 -33.33 1.00
N PRO D 36 -1.32 -33.67 1.95
CA PRO D 36 -2.74 -33.34 1.81
C PRO D 36 -3.02 -31.84 1.79
N GLY D 37 -2.17 -31.03 2.44
CA GLY D 37 -2.17 -29.55 2.31
C GLY D 37 -3.10 -28.88 3.32
N LYS D 38 -3.57 -29.63 4.31
CA LYS D 38 -4.55 -29.21 5.34
C LYS D 38 -3.76 -29.01 6.65
N LEU D 39 -3.91 -27.86 7.30
CA LEU D 39 -3.29 -27.57 8.62
C LEU D 39 -4.39 -27.15 9.60
N ALA D 40 -4.28 -27.61 10.84
CA ALA D 40 -5.22 -27.27 11.92
C ALA D 40 -5.01 -25.80 12.33
N LYS D 41 -6.05 -25.20 12.91
CA LYS D 41 -6.07 -23.80 13.37
C LYS D 41 -4.95 -23.56 14.40
N ASN D 42 -4.64 -24.55 15.25
CA ASN D 42 -3.67 -24.39 16.37
C ASN D 42 -2.24 -24.23 15.83
N VAL D 43 -1.95 -24.65 14.59
CA VAL D 43 -0.58 -24.46 14.01
C VAL D 43 -0.60 -23.45 12.86
N MET D 44 -1.73 -23.26 12.16
CA MET D 44 -1.84 -22.30 11.04
C MET D 44 -3.21 -21.59 11.08
N GLY D 45 -3.31 -20.61 11.96
CA GLY D 45 -4.49 -19.73 12.07
C GLY D 45 -4.14 -18.32 11.70
N HIS D 46 -5.12 -17.51 11.30
CA HIS D 46 -4.96 -16.06 11.07
C HIS D 46 -6.03 -15.26 11.80
N ASN D 47 -5.70 -14.03 12.17
CA ASN D 47 -6.68 -13.01 12.61
C ASN D 47 -6.30 -11.70 11.92
N TRP D 48 -7.06 -10.66 12.22
CA TRP D 48 -6.82 -9.29 11.74
C TRP D 48 -6.95 -8.37 12.94
N VAL D 49 -5.90 -7.60 13.21
CA VAL D 49 -5.74 -6.76 14.43
C VAL D 49 -5.34 -5.37 13.98
N LEU D 50 -6.04 -4.34 14.46
CA LEU D 50 -5.84 -2.92 14.05
C LEU D 50 -5.33 -2.14 15.26
N THR D 51 -4.21 -1.43 15.08
CA THR D 51 -3.62 -0.51 16.08
C THR D 51 -3.05 0.73 15.38
N LYS D 52 -2.74 1.75 16.16
CA LYS D 52 -1.76 2.79 15.78
C LYS D 52 -0.46 2.07 15.41
N GLN D 53 0.22 2.55 14.38
CA GLN D 53 1.55 2.04 13.90
C GLN D 53 2.47 1.83 15.13
N ALA D 54 2.61 2.83 15.99
CA ALA D 54 3.56 2.83 17.13
C ALA D 54 3.21 1.75 18.15
N ASP D 55 1.95 1.28 18.17
CA ASP D 55 1.44 0.29 19.16
C ASP D 55 1.52 -1.16 18.61
N MET D 56 1.87 -1.37 17.33
CA MET D 56 1.88 -2.73 16.71
C MET D 56 2.72 -3.71 17.55
N GLN D 57 4.00 -3.40 17.77
CA GLN D 57 4.99 -4.32 18.36
C GLN D 57 4.52 -4.76 19.75
N GLY D 58 4.12 -3.82 20.61
CA GLY D 58 3.61 -4.12 21.95
C GLY D 58 2.38 -5.01 21.90
N ALA D 59 1.41 -4.66 21.04
CA ALA D 59 0.12 -5.36 20.91
C ALA D 59 0.38 -6.80 20.44
N VAL D 60 1.26 -6.97 19.45
CA VAL D 60 1.56 -8.33 18.92
C VAL D 60 2.30 -9.16 19.97
N ASN D 61 3.24 -8.59 20.73
CA ASN D 61 3.99 -9.34 21.77
C ASN D 61 3.00 -9.81 22.84
N ASP D 62 2.19 -8.91 23.38
CA ASP D 62 1.21 -9.26 24.45
C ASP D 62 0.14 -10.18 23.85
N GLY D 63 -0.17 -10.00 22.56
CA GLY D 63 -1.15 -10.83 21.85
C GLY D 63 -0.68 -12.28 21.75
N MET D 64 0.55 -12.51 21.33
CA MET D 64 1.09 -13.89 21.26
C MET D 64 1.05 -14.54 22.67
N ALA D 65 1.39 -13.78 23.71
CA ALA D 65 1.45 -14.27 25.10
C ALA D 65 0.04 -14.63 25.59
N ALA D 66 -1.01 -14.03 25.02
CA ALA D 66 -2.41 -14.19 25.52
C ALA D 66 -2.98 -15.55 25.11
N GLY D 67 -2.45 -16.20 24.08
CA GLY D 67 -2.88 -17.57 23.68
C GLY D 67 -4.06 -17.59 22.71
N LEU D 68 -4.29 -18.74 22.07
CA LEU D 68 -5.35 -19.03 21.07
C LEU D 68 -6.74 -18.77 21.68
N ASP D 69 -6.96 -19.06 22.96
N ASP D 69 -6.88 -19.08 22.97
CA ASP D 69 -8.27 -18.91 23.63
CA ASP D 69 -8.06 -18.90 23.85
C ASP D 69 -8.64 -17.42 23.70
C ASP D 69 -8.58 -17.46 23.77
N ASN D 70 -7.67 -16.49 23.68
CA ASN D 70 -7.90 -15.02 23.64
C ASN D 70 -7.71 -14.45 22.21
N ASN D 71 -7.72 -15.32 21.18
CA ASN D 71 -7.51 -14.96 19.75
C ASN D 71 -6.18 -14.23 19.58
N TYR D 72 -5.19 -14.57 20.41
CA TYR D 72 -3.84 -13.98 20.39
C TYR D 72 -3.96 -12.47 20.45
N VAL D 73 -4.88 -11.99 21.29
CA VAL D 73 -5.02 -10.55 21.64
C VAL D 73 -5.19 -10.45 23.15
N LYS D 74 -4.36 -9.64 23.81
CA LYS D 74 -4.45 -9.41 25.26
C LYS D 74 -5.85 -8.87 25.58
N LYS D 75 -6.57 -9.53 26.50
CA LYS D 75 -7.92 -9.14 26.96
C LYS D 75 -7.91 -7.65 27.31
N ASP D 76 -8.82 -6.87 26.72
CA ASP D 76 -9.08 -5.44 27.03
C ASP D 76 -7.83 -4.61 26.74
N ASP D 77 -7.01 -5.02 25.78
CA ASP D 77 -5.81 -4.25 25.36
C ASP D 77 -6.30 -2.93 24.74
N ALA D 78 -5.96 -1.82 25.38
CA ALA D 78 -6.36 -0.44 25.01
C ALA D 78 -5.80 -0.05 23.64
N ARG D 79 -4.70 -0.66 23.19
CA ARG D 79 -4.04 -0.30 21.91
C ARG D 79 -4.81 -0.91 20.72
N VAL D 80 -5.65 -1.92 20.97
CA VAL D 80 -6.30 -2.69 19.87
C VAL D 80 -7.65 -2.05 19.60
N ILE D 81 -7.74 -1.35 18.47
CA ILE D 81 -8.98 -0.62 18.05
C ILE D 81 -10.03 -1.66 17.67
N ALA D 82 -9.63 -2.75 17.01
CA ALA D 82 -10.54 -3.82 16.55
C ALA D 82 -9.74 -5.06 16.21
N HIS D 83 -10.35 -6.23 16.29
CA HIS D 83 -9.70 -7.52 15.93
C HIS D 83 -10.77 -8.54 15.60
N THR D 84 -10.45 -9.48 14.71
CA THR D 84 -11.27 -10.69 14.45
C THR D 84 -10.87 -11.78 15.44
N LYS D 85 -11.64 -12.86 15.46
CA LYS D 85 -11.21 -14.16 16.02
C LYS D 85 -10.03 -14.67 15.18
N VAL D 86 -9.29 -15.60 15.75
CA VAL D 86 -8.37 -16.48 14.98
C VAL D 86 -9.21 -17.52 14.25
N ILE D 87 -8.98 -17.68 12.95
CA ILE D 87 -9.74 -18.65 12.11
C ILE D 87 -8.74 -19.62 11.46
N GLY D 88 -9.22 -20.82 11.14
CA GLY D 88 -8.48 -21.88 10.45
C GLY D 88 -8.85 -21.92 8.99
N GLY D 89 -8.20 -22.82 8.24
CA GLY D 89 -8.46 -23.00 6.80
C GLY D 89 -9.92 -23.28 6.54
N GLY D 90 -10.46 -22.70 5.47
CA GLY D 90 -11.87 -22.80 5.06
C GLY D 90 -12.81 -21.93 5.90
N GLU D 91 -12.32 -21.20 6.90
CA GLU D 91 -13.19 -20.41 7.83
C GLU D 91 -13.22 -18.93 7.43
N THR D 92 -14.18 -18.18 7.98
CA THR D 92 -14.40 -16.73 7.81
C THR D 92 -14.74 -16.11 9.15
N ASP D 93 -14.35 -14.86 9.37
CA ASP D 93 -14.80 -14.06 10.53
C ASP D 93 -14.84 -12.60 10.13
N SER D 94 -15.72 -11.82 10.77
CA SER D 94 -15.89 -10.38 10.51
C SER D 94 -15.74 -9.63 11.83
N VAL D 95 -15.21 -8.42 11.77
CA VAL D 95 -15.34 -7.43 12.88
C VAL D 95 -15.84 -6.11 12.31
N THR D 96 -16.70 -5.42 13.07
CA THR D 96 -17.15 -4.04 12.76
C THR D 96 -16.63 -3.12 13.88
N PHE D 97 -16.15 -1.93 13.54
CA PHE D 97 -15.78 -0.90 14.54
C PHE D 97 -16.31 0.47 14.13
N ASP D 98 -16.43 1.35 15.11
CA ASP D 98 -16.84 2.77 14.93
C ASP D 98 -15.69 3.52 14.29
N VAL D 99 -15.94 4.20 13.17
CA VAL D 99 -14.93 5.01 12.43
C VAL D 99 -14.49 6.20 13.29
N SER D 100 -15.32 6.62 14.26
CA SER D 100 -15.00 7.72 15.22
C SER D 100 -13.76 7.38 16.05
N LYS D 101 -13.37 6.10 16.14
CA LYS D 101 -12.14 5.65 16.84
C LYS D 101 -10.88 6.02 16.03
N LEU D 102 -11.01 6.38 14.74
CA LEU D 102 -9.88 6.82 13.90
C LEU D 102 -9.85 8.35 13.84
N ALA D 103 -8.67 8.94 13.82
CA ALA D 103 -8.44 10.41 13.76
C ALA D 103 -7.50 10.73 12.60
N ALA D 104 -7.67 11.91 11.99
CA ALA D 104 -6.81 12.39 10.88
C ALA D 104 -5.37 12.60 11.40
N GLY D 105 -4.40 12.40 10.52
CA GLY D 105 -2.95 12.58 10.80
C GLY D 105 -2.42 11.55 11.80
N GLN D 106 -3.15 10.47 12.09
CA GLN D 106 -2.62 9.29 12.82
C GLN D 106 -2.30 8.22 11.79
N ASP D 107 -1.26 7.43 12.04
CA ASP D 107 -0.83 6.29 11.18
C ASP D 107 -1.42 5.00 11.78
N TYR D 108 -2.19 4.24 11.01
CA TYR D 108 -2.81 2.97 11.49
C TYR D 108 -2.23 1.79 10.72
N ALA D 109 -2.02 0.68 11.42
CA ALA D 109 -1.49 -0.57 10.85
C ALA D 109 -2.39 -1.72 11.26
N TYR D 110 -2.46 -2.76 10.44
CA TYR D 110 -3.10 -4.03 10.80
C TYR D 110 -2.08 -5.15 10.60
N PHE D 111 -2.31 -6.24 11.31
CA PHE D 111 -1.40 -7.41 11.30
C PHE D 111 -2.18 -8.62 11.80
N CYS D 112 -1.62 -9.78 11.54
CA CYS D 112 -2.01 -11.04 12.20
C CYS D 112 -1.13 -11.25 13.42
N SER D 113 -1.73 -11.58 14.56
CA SER D 113 -1.03 -11.75 15.87
C SER D 113 -0.80 -13.25 16.15
N PHE D 114 -1.12 -14.12 15.20
CA PHE D 114 -0.83 -15.56 15.32
C PHE D 114 0.70 -15.68 15.39
N PRO D 115 1.26 -16.41 16.38
CA PRO D 115 2.70 -16.41 16.62
C PRO D 115 3.52 -16.70 15.35
N GLY D 116 4.45 -15.82 15.01
CA GLY D 116 5.37 -15.95 13.87
C GLY D 116 4.86 -15.29 12.59
N HIS D 117 3.59 -14.85 12.54
CA HIS D 117 2.97 -14.36 11.26
C HIS D 117 3.29 -12.89 11.02
N PHE D 118 3.58 -12.15 12.10
CA PHE D 118 3.63 -10.67 12.16
C PHE D 118 4.58 -10.13 11.09
N ALA D 119 5.73 -10.76 10.87
CA ALA D 119 6.77 -10.25 9.95
C ALA D 119 6.20 -10.12 8.53
N LEU D 120 5.38 -11.08 8.08
CA LEU D 120 4.87 -11.17 6.68
C LEU D 120 3.43 -10.67 6.55
N MET D 121 2.63 -10.71 7.63
CA MET D 121 1.20 -10.36 7.59
C MET D 121 0.94 -9.03 8.27
N LYS D 122 1.06 -7.96 7.48
CA LYS D 122 1.01 -6.54 7.88
C LYS D 122 0.35 -5.75 6.75
N GLY D 123 -0.26 -4.62 7.08
CA GLY D 123 -0.70 -3.61 6.11
C GLY D 123 -0.97 -2.28 6.78
N VAL D 124 -1.34 -1.25 6.01
CA VAL D 124 -1.63 0.11 6.53
C VAL D 124 -3.12 0.37 6.32
N LEU D 125 -3.79 0.91 7.32
CA LEU D 125 -5.20 1.34 7.21
C LEU D 125 -5.19 2.86 7.21
N LYS D 126 -5.84 3.47 6.22
CA LYS D 126 -5.82 4.93 5.98
C LYS D 126 -7.25 5.46 6.05
N LEU D 127 -7.44 6.51 6.84
CA LEU D 127 -8.65 7.35 6.90
C LEU D 127 -8.64 8.26 5.67
N VAL D 128 -9.78 8.34 4.99
CA VAL D 128 -9.89 8.88 3.61
C VAL D 128 -11.13 9.79 3.52
N ASP D 129 -11.17 10.71 2.54
CA ASP D 129 -12.28 11.66 2.20
C ASP D 129 -11.85 13.13 2.34
CU CU E . 8.08 -30.21 5.27
CU CU F . -1.94 31.45 -3.95
CU CU G . -3.20 14.29 -11.65
CU CU H . -1.72 -15.29 10.46
#